data_5K9C
#
_entry.id   5K9C
#
_cell.length_a   89.900
_cell.length_b   89.900
_cell.length_c   121.771
_cell.angle_alpha   90.000
_cell.angle_beta   90.000
_cell.angle_gamma   120.000
#
_symmetry.space_group_name_H-M   'P 32 2 1'
#
loop_
_entity.id
_entity.type
_entity.pdbx_description
1 polymer 'Dihydroorotate dehydrogenase (quinone), mitochondrial'
2 non-polymer 1-DEOXY-1-(7,8-DIMETHYL-2,4-DIOXO-3,4-DIHYDRO-2H-BENZO[G]PTERIDIN-1-ID-10(5H)-YL)-5-O-PHOSPHONATO-D-RIBITOL
3 non-polymer 'OROTIC ACID'
4 non-polymer ~{N}-[3-oxidanylidene-3-[[(1~{R})-1,2,3,4-tetrahydronaphthalen-1-yl]amino]propyl]-4-(trifluoromethyloxy)benzamide
5 non-polymer 'SULFATE ION'
6 non-polymer 'ACETATE ION'
7 non-polymer 'CHLORIDE ION'
8 non-polymer GLYCEROL
9 water water
#
_entity_poly.entity_id   1
_entity_poly.type   'polypeptide(L)'
_entity_poly.pdbx_seq_one_letter_code
;SMATGDERFYAEHLMPTLQGLLDPESAHRLAVRFTSLGLLPRARFQDSDMLEVRVLGHKFRNPVGIAAGFDKHGEAVDGL
YKMGFGFVEIGSVTPKPQEGNPRPRVFRLPEDQAVINRYGFNSHGLSVVEHRLRARQQKQAKLTEDGLPLGVNLGKNKTS
VDAAEDYAEGVRVLGPLADYLVVNVSSPNTAGLRSLQGKAELRRLLTKVLQERDGLRRVHRPAVLVKIAPDLTSQDKEDI
ASVVKELGIDGLIVTNTTVSRPAGLQGALRSETGGLSGKPLRDLSTQTIREMYALTQGRVPIIGVGGVSSGQDALEKIRA
GASLVQLYTALTFWGPPVVGKVKRELEALLKEQGFGGVTDAIGADHRR
;
_entity_poly.pdbx_strand_id   A
#
loop_
_chem_comp.id
_chem_comp.type
_chem_comp.name
_chem_comp.formula
ACT non-polymer 'ACETATE ION' 'C2 H3 O2 -1'
CL non-polymer 'CHLORIDE ION' 'Cl -1'
FNR non-polymer 1-DEOXY-1-(7,8-DIMETHYL-2,4-DIOXO-3,4-DIHYDRO-2H-BENZO[G]PTERIDIN-1-ID-10(5H)-YL)-5-O-PHOSPHONATO-D-RIBITOL 'C17 H23 N4 O9 P'
GOL non-polymer GLYCEROL 'C3 H8 O3'
MLJ non-polymer ~{N}-[3-oxidanylidene-3-[[(1~{R})-1,2,3,4-tetrahydronaphthalen-1-yl]amino]propyl]-4-(trifluoromethyloxy)benzamide 'C21 H21 F3 N2 O3'
ORO non-polymer 'OROTIC ACID' 'C5 H4 N2 O4'
SO4 non-polymer 'SULFATE ION' 'O4 S -2'
#
# COMPACT_ATOMS: atom_id res chain seq x y z
N GLU A 7 13.42 11.67 -15.62
CA GLU A 7 12.74 12.19 -14.44
C GLU A 7 11.99 13.47 -14.78
N ARG A 8 12.74 14.49 -15.21
CA ARG A 8 12.13 15.74 -15.64
C ARG A 8 11.36 15.55 -16.95
N PHE A 9 11.77 14.58 -17.78
CA PHE A 9 11.06 14.34 -19.03
C PHE A 9 9.68 13.75 -18.75
N TYR A 10 9.61 12.75 -17.86
CA TYR A 10 8.32 12.20 -17.47
C TYR A 10 7.47 13.23 -16.73
N ALA A 11 8.08 13.91 -15.75
CA ALA A 11 7.32 14.82 -14.90
C ALA A 11 6.79 16.01 -15.67
N GLU A 12 7.61 16.59 -16.56
CA GLU A 12 7.26 17.85 -17.21
C GLU A 12 6.72 17.70 -18.62
N HIS A 13 7.12 16.66 -19.36
CA HIS A 13 6.75 16.51 -20.77
C HIS A 13 5.87 15.29 -21.01
N LEU A 14 6.34 14.09 -20.66
CA LEU A 14 5.64 12.88 -21.05
C LEU A 14 4.32 12.73 -20.29
N MET A 15 4.39 12.67 -18.97
CA MET A 15 3.19 12.40 -18.18
C MET A 15 2.12 13.48 -18.33
N PRO A 16 2.45 14.78 -18.35
CA PRO A 16 1.41 15.78 -18.58
C PRO A 16 0.74 15.66 -19.94
N THR A 17 1.47 15.20 -20.96
CA THR A 17 0.90 15.08 -22.30
C THR A 17 -0.09 13.93 -22.37
N LEU A 18 0.34 12.73 -21.97
CA LEU A 18 -0.56 11.59 -21.95
C LEU A 18 -1.78 11.87 -21.06
N GLN A 19 -1.60 12.69 -20.02
CA GLN A 19 -2.72 13.06 -19.18
C GLN A 19 -3.83 13.72 -19.98
N GLY A 20 -3.50 14.47 -21.03
CA GLY A 20 -4.52 15.17 -21.79
C GLY A 20 -5.40 14.26 -22.63
N LEU A 21 -4.88 13.10 -23.03
CA LEU A 21 -5.56 12.27 -24.02
C LEU A 21 -6.48 11.22 -23.40
N LEU A 22 -6.22 10.82 -22.15
CA LEU A 22 -6.86 9.66 -21.55
C LEU A 22 -7.61 10.07 -20.30
N ASP A 23 -8.75 9.45 -20.06
CA ASP A 23 -9.36 9.61 -18.76
C ASP A 23 -8.53 8.79 -17.78
N PRO A 24 -8.68 9.06 -16.48
CA PRO A 24 -7.77 8.44 -15.51
C PRO A 24 -7.86 6.93 -15.46
N GLU A 25 -9.06 6.35 -15.58
CA GLU A 25 -9.15 4.89 -15.57
C GLU A 25 -8.51 4.28 -16.80
N SER A 26 -8.71 4.88 -17.98
CA SER A 26 -8.04 4.38 -19.16
C SER A 26 -6.53 4.46 -19.01
N ALA A 27 -6.04 5.55 -18.41
CA ALA A 27 -4.61 5.67 -18.15
C ALA A 27 -4.14 4.57 -17.23
N HIS A 28 -4.92 4.29 -16.18
CA HIS A 28 -4.60 3.22 -15.25
C HIS A 28 -4.51 1.88 -15.97
N ARG A 29 -5.50 1.58 -16.80
CA ARG A 29 -5.49 0.32 -17.53
C ARG A 29 -4.27 0.22 -18.44
N LEU A 30 -3.93 1.29 -19.13
CA LEU A 30 -2.77 1.26 -20.02
CA LEU A 30 -2.78 1.26 -20.02
C LEU A 30 -1.48 1.13 -19.24
N ALA A 31 -1.39 1.82 -18.09
CA ALA A 31 -0.20 1.74 -17.27
C ALA A 31 0.02 0.32 -16.79
N VAL A 32 -1.04 -0.37 -16.38
CA VAL A 32 -0.90 -1.75 -15.94
C VAL A 32 -0.43 -2.62 -17.09
N ARG A 33 -1.02 -2.42 -18.26
CA ARG A 33 -0.64 -3.22 -19.42
C ARG A 33 0.82 -2.97 -19.78
N PHE A 34 1.24 -1.70 -19.84
CA PHE A 34 2.63 -1.41 -20.18
C PHE A 34 3.57 -1.97 -19.13
N THR A 35 3.19 -1.88 -17.86
CA THR A 35 4.07 -2.38 -16.81
C THR A 35 4.19 -3.88 -16.91
N SER A 36 3.05 -4.57 -17.14
N SER A 36 3.05 -4.56 -17.15
CA SER A 36 3.08 -6.02 -17.21
CA SER A 36 3.01 -6.01 -17.23
C SER A 36 3.98 -6.48 -18.34
C SER A 36 3.80 -6.55 -18.41
N LEU A 37 3.98 -5.74 -19.45
CA LEU A 37 4.80 -6.11 -20.59
C LEU A 37 6.26 -5.74 -20.39
N GLY A 38 6.62 -5.17 -19.25
CA GLY A 38 7.97 -4.70 -19.05
C GLY A 38 8.36 -3.54 -19.94
N LEU A 39 7.40 -2.90 -20.60
CA LEU A 39 7.68 -1.77 -21.48
C LEU A 39 8.02 -0.54 -20.65
N LEU A 40 9.12 -0.62 -19.91
CA LEU A 40 9.60 0.46 -19.08
C LEU A 40 11.09 0.19 -18.97
N PRO A 41 11.93 1.21 -18.93
CA PRO A 41 13.37 0.96 -18.73
C PRO A 41 13.61 0.38 -17.35
N ARG A 42 14.35 -0.72 -17.30
CA ARG A 42 14.76 -1.28 -16.01
C ARG A 42 15.38 -0.19 -15.16
N ALA A 43 14.83 0.03 -13.97
CA ALA A 43 15.29 1.12 -13.12
C ALA A 43 16.81 1.06 -12.97
N ARG A 44 17.44 2.23 -13.06
CA ARG A 44 18.90 2.31 -13.01
C ARG A 44 19.43 2.35 -11.58
N PHE A 45 18.69 2.95 -10.65
CA PHE A 45 19.14 3.07 -9.27
C PHE A 45 19.43 1.68 -8.69
N GLN A 46 20.69 1.46 -8.29
CA GLN A 46 21.07 0.24 -7.58
C GLN A 46 20.98 0.50 -6.08
N ASP A 47 20.24 -0.34 -5.37
CA ASP A 47 19.87 -0.04 -3.99
C ASP A 47 21.09 -0.12 -3.07
N SER A 48 21.32 0.94 -2.32
CA SER A 48 22.32 0.98 -1.27
C SER A 48 21.95 0.05 -0.11
N ASP A 49 22.98 -0.48 0.55
CA ASP A 49 22.77 -1.23 1.79
C ASP A 49 22.04 -0.42 2.85
N MET A 50 22.15 0.90 2.79
CA MET A 50 21.50 1.76 3.76
C MET A 50 19.98 1.65 3.66
N LEU A 51 19.48 1.17 2.53
CA LEU A 51 18.04 1.13 2.34
C LEU A 51 17.42 -0.20 2.71
N GLU A 52 18.23 -1.20 3.03
CA GLU A 52 17.71 -2.51 3.38
C GLU A 52 17.02 -2.46 4.73
N VAL A 53 15.87 -3.12 4.82
CA VAL A 53 15.09 -3.19 6.06
C VAL A 53 14.70 -4.63 6.28
N ARG A 54 14.87 -5.13 7.49
CA ARG A 54 14.43 -6.46 7.85
C ARG A 54 13.23 -6.30 8.78
N VAL A 55 12.07 -6.73 8.30
CA VAL A 55 10.82 -6.59 9.06
C VAL A 55 9.83 -7.61 8.52
N LEU A 56 8.80 -7.94 9.31
CA LEU A 56 7.73 -8.84 8.87
C LEU A 56 8.25 -10.21 8.45
N GLY A 57 9.41 -10.59 8.99
CA GLY A 57 9.99 -11.88 8.64
C GLY A 57 10.69 -11.91 7.30
N HIS A 58 11.00 -10.74 6.72
CA HIS A 58 11.63 -10.68 5.42
C HIS A 58 12.67 -9.57 5.33
N LYS A 59 13.57 -9.73 4.37
CA LYS A 59 14.48 -8.66 3.96
C LYS A 59 13.78 -7.89 2.86
N PHE A 60 13.83 -6.57 2.96
CA PHE A 60 13.33 -5.68 1.91
C PHE A 60 14.54 -4.91 1.41
N ARG A 61 14.88 -5.09 0.13
CA ARG A 61 16.07 -4.46 -0.43
C ARG A 61 16.01 -2.95 -0.36
N ASN A 62 14.82 -2.38 -0.47
CA ASN A 62 14.63 -0.96 -0.24
C ASN A 62 13.23 -0.82 0.33
N PRO A 63 12.94 0.29 0.99
CA PRO A 63 11.69 0.40 1.75
C PRO A 63 10.53 1.02 0.98
N VAL A 64 10.64 1.14 -0.33
CA VAL A 64 9.66 1.86 -1.14
C VAL A 64 8.84 0.84 -1.91
N GLY A 65 7.59 0.66 -1.52
CA GLY A 65 6.72 -0.28 -2.19
C GLY A 65 5.66 0.41 -3.01
N ILE A 66 5.04 -0.37 -3.89
CA ILE A 66 3.85 0.07 -4.58
C ILE A 66 2.63 -0.34 -3.78
N ALA A 67 1.80 0.64 -3.46
CA ALA A 67 0.63 0.41 -2.64
C ALA A 67 -0.44 -0.37 -3.42
N ALA A 68 -1.33 -0.99 -2.67
CA ALA A 68 -2.47 -1.66 -3.27
C ALA A 68 -3.29 -0.71 -4.13
N GLY A 69 -3.95 -1.28 -5.12
CA GLY A 69 -4.87 -0.57 -5.98
C GLY A 69 -4.31 -0.21 -7.32
N PHE A 70 -2.99 -0.34 -7.50
CA PHE A 70 -2.40 -0.16 -8.81
C PHE A 70 -2.54 -1.44 -9.61
N ASP A 71 -2.02 -2.54 -9.08
CA ASP A 71 -2.14 -3.87 -9.68
C ASP A 71 -3.15 -4.63 -8.84
N LYS A 72 -4.43 -4.35 -9.07
CA LYS A 72 -5.48 -4.97 -8.28
C LYS A 72 -5.54 -6.48 -8.48
N HIS A 73 -5.17 -6.95 -9.67
CA HIS A 73 -5.43 -8.35 -10.03
C HIS A 73 -4.17 -9.15 -10.23
N GLY A 74 -3.02 -8.63 -9.80
CA GLY A 74 -1.79 -9.39 -9.87
C GLY A 74 -1.25 -9.60 -11.26
N GLU A 75 -1.41 -8.61 -12.13
CA GLU A 75 -1.01 -8.73 -13.53
C GLU A 75 0.34 -8.11 -13.85
N ALA A 76 0.93 -7.35 -12.94
CA ALA A 76 2.09 -6.53 -13.31
C ALA A 76 3.18 -6.61 -12.25
N VAL A 77 3.21 -7.68 -11.48
CA VAL A 77 4.11 -7.75 -10.34
C VAL A 77 5.56 -7.62 -10.80
N ASP A 78 5.95 -8.42 -11.79
CA ASP A 78 7.35 -8.40 -12.20
C ASP A 78 7.74 -7.06 -12.78
N GLY A 79 6.86 -6.44 -13.55
CA GLY A 79 7.12 -5.10 -14.05
C GLY A 79 7.29 -4.07 -12.94
N LEU A 80 6.57 -4.24 -11.84
CA LEU A 80 6.71 -3.32 -10.73
C LEU A 80 8.05 -3.49 -10.03
N TYR A 81 8.54 -4.72 -9.88
CA TYR A 81 9.89 -4.86 -9.35
C TYR A 81 10.89 -4.24 -10.31
N LYS A 82 10.68 -4.40 -11.61
CA LYS A 82 11.60 -3.82 -12.58
C LYS A 82 11.67 -2.32 -12.44
N MET A 83 10.57 -1.69 -12.01
CA MET A 83 10.53 -0.25 -11.79
C MET A 83 11.35 0.19 -10.58
N GLY A 84 11.77 -0.75 -9.72
CA GLY A 84 12.62 -0.44 -8.60
C GLY A 84 11.95 -0.50 -7.24
N PHE A 85 10.68 -0.90 -7.19
CA PHE A 85 10.02 -1.03 -5.91
C PHE A 85 10.65 -2.16 -5.10
N GLY A 86 10.86 -1.92 -3.81
CA GLY A 86 11.42 -2.92 -2.94
C GLY A 86 10.44 -3.99 -2.52
N PHE A 87 9.15 -3.74 -2.71
CA PHE A 87 8.11 -4.73 -2.48
C PHE A 87 6.88 -4.31 -3.26
N VAL A 88 6.03 -5.28 -3.54
CA VAL A 88 4.84 -5.04 -4.34
C VAL A 88 3.65 -5.54 -3.54
N GLU A 89 2.59 -4.76 -3.49
CA GLU A 89 1.32 -5.21 -2.90
C GLU A 89 0.27 -5.20 -3.99
N ILE A 90 -0.34 -6.34 -4.22
CA ILE A 90 -1.42 -6.44 -5.18
C ILE A 90 -2.76 -6.42 -4.45
N GLY A 91 -3.82 -6.22 -5.21
CA GLY A 91 -5.15 -6.17 -4.64
C GLY A 91 -5.66 -4.75 -4.57
N SER A 92 -6.81 -4.55 -3.93
CA SER A 92 -7.53 -5.59 -3.20
C SER A 92 -8.18 -6.63 -4.07
N VAL A 93 -8.18 -7.88 -3.60
CA VAL A 93 -8.80 -9.00 -4.30
C VAL A 93 -10.00 -9.44 -3.50
N THR A 94 -11.14 -9.58 -4.15
CA THR A 94 -12.35 -10.05 -3.48
C THR A 94 -12.56 -11.52 -3.76
N PRO A 95 -13.33 -12.21 -2.94
CA PRO A 95 -13.50 -13.66 -3.16
C PRO A 95 -14.04 -14.02 -4.52
N LYS A 96 -15.17 -13.48 -4.87
CA LYS A 96 -15.72 -13.68 -6.18
C LYS A 96 -15.39 -12.48 -7.05
N PRO A 97 -15.32 -12.67 -8.36
CA PRO A 97 -15.15 -11.51 -9.24
C PRO A 97 -16.27 -10.53 -9.02
N GLN A 98 -15.95 -9.25 -9.15
CA GLN A 98 -17.01 -8.24 -9.15
C GLN A 98 -16.55 -7.03 -9.94
N GLU A 99 -17.51 -6.31 -10.52
CA GLU A 99 -17.19 -5.25 -11.45
C GLU A 99 -16.82 -3.94 -10.79
N GLY A 100 -17.19 -3.73 -9.54
CA GLY A 100 -16.99 -2.42 -8.93
C GLY A 100 -18.09 -1.44 -9.31
N ASN A 101 -17.85 -0.17 -8.98
CA ASN A 101 -18.82 0.87 -9.20
C ASN A 101 -18.91 1.28 -10.66
N PRO A 102 -20.01 1.92 -11.06
CA PRO A 102 -20.12 2.40 -12.44
C PRO A 102 -19.13 3.51 -12.75
N ARG A 103 -18.74 3.58 -14.02
CA ARG A 103 -17.83 4.61 -14.51
C ARG A 103 -18.54 5.88 -14.94
N PRO A 104 -17.92 7.05 -14.70
CA PRO A 104 -16.57 7.27 -14.17
C PRO A 104 -16.47 7.06 -12.68
N ARG A 105 -15.31 6.56 -12.27
CA ARG A 105 -15.08 6.26 -10.86
C ARG A 105 -13.66 6.58 -10.43
N VAL A 106 -12.91 7.31 -11.24
CA VAL A 106 -11.58 7.77 -10.89
C VAL A 106 -11.42 9.15 -11.49
N PHE A 107 -10.86 10.07 -10.69
CA PHE A 107 -10.83 11.49 -11.02
C PHE A 107 -9.48 12.06 -10.66
N ARG A 108 -8.89 12.83 -11.55
CA ARG A 108 -7.63 13.49 -11.24
C ARG A 108 -7.88 14.91 -10.77
N LEU A 109 -7.06 15.35 -9.82
CA LEU A 109 -7.09 16.71 -9.27
C LEU A 109 -5.68 17.24 -9.47
N PRO A 110 -5.35 17.64 -10.68
CA PRO A 110 -3.94 17.98 -10.96
C PRO A 110 -3.41 19.13 -10.13
N GLU A 111 -4.25 20.13 -9.88
CA GLU A 111 -3.85 21.30 -9.11
C GLU A 111 -3.49 20.92 -7.68
N ASP A 112 -3.91 19.75 -7.23
CA ASP A 112 -3.67 19.29 -5.87
C ASP A 112 -2.69 18.15 -5.82
N GLN A 113 -2.23 17.67 -6.98
CA GLN A 113 -1.44 16.46 -7.08
C GLN A 113 -2.15 15.33 -6.35
N ALA A 114 -3.44 15.20 -6.61
CA ALA A 114 -4.29 14.27 -5.91
C ALA A 114 -5.16 13.53 -6.91
N VAL A 115 -5.76 12.45 -6.42
CA VAL A 115 -6.73 11.63 -7.14
C VAL A 115 -7.87 11.32 -6.17
N ILE A 116 -9.08 11.23 -6.71
CA ILE A 116 -10.22 10.69 -5.98
C ILE A 116 -10.67 9.45 -6.73
N ASN A 117 -10.83 8.36 -6.01
CA ASN A 117 -11.33 7.15 -6.64
C ASN A 117 -12.45 6.53 -5.84
N ARG A 118 -13.38 5.94 -6.58
CA ARG A 118 -14.45 5.15 -6.03
C ARG A 118 -14.60 3.87 -6.86
N TYR A 119 -13.48 3.18 -7.07
CA TYR A 119 -13.53 1.95 -7.87
C TYR A 119 -14.52 0.95 -7.32
N GLY A 120 -14.57 0.79 -6.01
CA GLY A 120 -15.50 -0.15 -5.41
C GLY A 120 -15.03 -1.58 -5.47
N PHE A 121 -13.72 -1.82 -5.35
CA PHE A 121 -13.19 -3.16 -5.31
CA PHE A 121 -13.20 -3.18 -5.29
C PHE A 121 -13.55 -3.95 -6.57
N ASN A 122 -13.29 -3.34 -7.71
CA ASN A 122 -13.34 -4.11 -8.93
C ASN A 122 -12.26 -5.18 -8.84
N SER A 123 -12.63 -6.43 -9.05
CA SER A 123 -11.67 -7.50 -8.81
C SER A 123 -11.94 -8.69 -9.72
N HIS A 124 -10.88 -9.24 -10.27
CA HIS A 124 -10.98 -10.51 -10.99
C HIS A 124 -11.31 -11.68 -10.08
N GLY A 125 -11.19 -11.52 -8.77
CA GLY A 125 -11.57 -12.52 -7.81
C GLY A 125 -10.40 -13.43 -7.45
N LEU A 126 -10.58 -14.14 -6.33
CA LEU A 126 -9.48 -14.94 -5.79
C LEU A 126 -8.97 -16.00 -6.75
N SER A 127 -9.86 -16.72 -7.43
CA SER A 127 -9.40 -17.84 -8.24
CA SER A 127 -9.41 -17.85 -8.25
C SER A 127 -8.50 -17.37 -9.39
N VAL A 128 -8.90 -16.31 -10.08
CA VAL A 128 -8.09 -15.79 -11.17
C VAL A 128 -6.73 -15.34 -10.65
N VAL A 129 -6.73 -14.58 -9.55
CA VAL A 129 -5.48 -14.09 -9.02
C VAL A 129 -4.63 -15.23 -8.51
N GLU A 130 -5.25 -16.23 -7.86
CA GLU A 130 -4.51 -17.42 -7.42
C GLU A 130 -3.76 -18.04 -8.57
N HIS A 131 -4.44 -18.24 -9.70
CA HIS A 131 -3.78 -18.91 -10.81
C HIS A 131 -2.70 -18.02 -11.40
N ARG A 132 -2.92 -16.70 -11.42
CA ARG A 132 -1.87 -15.80 -11.89
C ARG A 132 -0.63 -15.85 -11.01
N LEU A 133 -0.82 -15.85 -9.68
CA LEU A 133 0.34 -15.93 -8.80
C LEU A 133 0.99 -17.30 -8.85
N ARG A 134 0.20 -18.35 -9.02
CA ARG A 134 0.79 -19.69 -9.10
C ARG A 134 1.71 -19.82 -10.29
N ALA A 135 1.40 -19.11 -11.38
CA ALA A 135 2.19 -19.22 -12.58
C ALA A 135 3.60 -18.69 -12.40
N ARG A 136 3.82 -17.89 -11.36
CA ARG A 136 5.12 -17.28 -11.08
C ARG A 136 5.53 -17.51 -9.63
N GLN A 137 5.00 -18.56 -8.99
CA GLN A 137 5.20 -18.75 -7.56
C GLN A 137 6.66 -18.96 -7.21
N GLN A 138 7.37 -19.79 -7.98
CA GLN A 138 8.78 -20.01 -7.65
C GLN A 138 9.64 -18.82 -8.01
N LYS A 139 9.29 -18.11 -9.08
CA LYS A 139 9.98 -16.88 -9.38
C LYS A 139 9.83 -15.91 -8.21
N GLN A 140 8.62 -15.83 -7.64
CA GLN A 140 8.42 -14.96 -6.49
C GLN A 140 9.21 -15.45 -5.28
N ALA A 141 9.27 -16.76 -5.06
CA ALA A 141 10.05 -17.24 -3.94
C ALA A 141 11.49 -16.76 -4.04
N LYS A 142 12.05 -16.78 -5.25
CA LYS A 142 13.42 -16.31 -5.44
C LYS A 142 13.52 -14.80 -5.24
N LEU A 143 12.54 -14.06 -5.75
CA LEU A 143 12.50 -12.61 -5.54
C LEU A 143 12.44 -12.28 -4.05
N THR A 144 11.56 -12.97 -3.33
CA THR A 144 11.44 -12.74 -1.90
C THR A 144 12.76 -13.04 -1.20
N GLU A 145 13.40 -14.16 -1.55
CA GLU A 145 14.69 -14.48 -0.94
C GLU A 145 15.71 -13.40 -1.26
N ASP A 146 15.60 -12.78 -2.43
CA ASP A 146 16.51 -11.71 -2.86
CA ASP A 146 16.52 -11.72 -2.85
C ASP A 146 16.12 -10.34 -2.31
N GLY A 147 15.14 -10.28 -1.42
CA GLY A 147 14.77 -9.05 -0.78
C GLY A 147 13.65 -8.29 -1.43
N LEU A 148 12.81 -8.97 -2.21
CA LEU A 148 11.70 -8.31 -2.93
C LEU A 148 10.39 -9.02 -2.63
N PRO A 149 9.81 -8.76 -1.46
CA PRO A 149 8.63 -9.50 -1.02
C PRO A 149 7.35 -9.04 -1.73
N LEU A 150 6.35 -9.89 -1.59
CA LEU A 150 5.04 -9.70 -2.22
C LEU A 150 3.96 -9.67 -1.15
N GLY A 151 3.13 -8.62 -1.19
CA GLY A 151 1.98 -8.52 -0.32
C GLY A 151 0.71 -8.68 -1.15
N VAL A 152 -0.34 -9.21 -0.51
CA VAL A 152 -1.64 -9.39 -1.13
C VAL A 152 -2.67 -8.76 -0.24
N ASN A 153 -3.43 -7.83 -0.79
CA ASN A 153 -4.45 -7.12 -0.05
C ASN A 153 -5.80 -7.77 -0.34
N LEU A 154 -6.49 -8.17 0.72
CA LEU A 154 -7.71 -8.96 0.60
C LEU A 154 -8.93 -8.08 0.88
N GLY A 155 -9.88 -8.07 -0.04
CA GLY A 155 -11.11 -7.36 0.14
C GLY A 155 -12.29 -8.29 0.36
N LYS A 156 -13.48 -7.69 0.38
CA LYS A 156 -14.70 -8.46 0.51
C LYS A 156 -15.66 -8.05 -0.59
N ASN A 157 -16.52 -9.00 -0.97
CA ASN A 157 -17.49 -8.72 -2.00
C ASN A 157 -18.57 -7.77 -1.47
N LYS A 158 -19.11 -6.99 -2.39
CA LYS A 158 -20.17 -6.05 -2.06
C LYS A 158 -21.37 -6.75 -1.44
N THR A 159 -21.72 -7.92 -1.91
CA THR A 159 -22.92 -8.61 -1.45
C THR A 159 -22.66 -9.55 -0.27
N SER A 160 -21.45 -9.60 0.25
CA SER A 160 -21.14 -10.60 1.27
C SER A 160 -22.03 -10.39 2.50
N VAL A 161 -22.48 -11.50 3.09
CA VAL A 161 -23.23 -11.48 4.34
C VAL A 161 -22.36 -11.79 5.55
N ASP A 162 -21.06 -11.98 5.35
CA ASP A 162 -20.17 -12.48 6.41
C ASP A 162 -18.77 -12.01 6.02
N ALA A 163 -18.45 -10.77 6.39
CA ALA A 163 -17.18 -10.18 5.99
C ALA A 163 -16.01 -11.04 6.45
N ALA A 164 -16.10 -11.57 7.66
CA ALA A 164 -14.99 -12.38 8.15
C ALA A 164 -14.77 -13.59 7.27
N GLU A 165 -15.84 -14.18 6.74
CA GLU A 165 -15.64 -15.35 5.89
C GLU A 165 -15.00 -14.95 4.57
N ASP A 166 -15.35 -13.77 4.02
CA ASP A 166 -14.65 -13.31 2.83
C ASP A 166 -13.17 -13.20 3.08
N TYR A 167 -12.77 -12.56 4.18
CA TYR A 167 -11.34 -12.42 4.45
C TYR A 167 -10.70 -13.77 4.72
N ALA A 168 -11.41 -14.66 5.44
CA ALA A 168 -10.88 -16.01 5.66
C ALA A 168 -10.64 -16.75 4.34
N GLU A 169 -11.58 -16.64 3.40
CA GLU A 169 -11.38 -17.26 2.10
C GLU A 169 -10.14 -16.71 1.41
N GLY A 170 -9.93 -15.40 1.52
CA GLY A 170 -8.75 -14.80 0.94
C GLY A 170 -7.48 -15.31 1.58
N VAL A 171 -7.48 -15.47 2.91
CA VAL A 171 -6.32 -16.04 3.59
C VAL A 171 -6.03 -17.42 3.06
N ARG A 172 -7.07 -18.25 2.95
CA ARG A 172 -6.87 -19.62 2.51
C ARG A 172 -6.36 -19.70 1.09
N VAL A 173 -6.87 -18.84 0.21
CA VAL A 173 -6.58 -18.96 -1.22
C VAL A 173 -5.27 -18.28 -1.59
N LEU A 174 -5.05 -17.07 -1.11
CA LEU A 174 -3.85 -16.31 -1.49
C LEU A 174 -2.81 -16.23 -0.40
N GLY A 175 -3.16 -16.52 0.84
CA GLY A 175 -2.19 -16.62 1.89
C GLY A 175 -0.97 -17.42 1.51
N PRO A 176 -1.16 -18.60 0.91
CA PRO A 176 -0.01 -19.45 0.58
C PRO A 176 0.89 -18.89 -0.48
N LEU A 177 0.48 -17.80 -1.15
CA LEU A 177 1.24 -17.22 -2.24
C LEU A 177 1.81 -15.86 -1.86
N ALA A 178 1.64 -15.43 -0.62
CA ALA A 178 1.96 -14.08 -0.21
C ALA A 178 3.00 -14.08 0.89
N ASP A 179 3.87 -13.07 0.89
CA ASP A 179 4.71 -12.87 2.06
C ASP A 179 3.95 -12.17 3.17
N TYR A 180 3.03 -11.28 2.83
CA TYR A 180 2.14 -10.71 3.81
C TYR A 180 0.79 -10.52 3.18
N LEU A 181 -0.22 -10.58 4.03
CA LEU A 181 -1.59 -10.33 3.68
C LEU A 181 -2.04 -9.05 4.37
N VAL A 182 -2.98 -8.37 3.75
CA VAL A 182 -3.55 -7.14 4.28
C VAL A 182 -5.06 -7.28 4.38
N VAL A 183 -5.55 -7.23 5.61
N VAL A 183 -5.64 -6.83 5.49
CA VAL A 183 -6.97 -7.18 5.91
CA VAL A 183 -7.07 -6.63 5.63
C VAL A 183 -7.34 -5.72 5.69
C VAL A 183 -7.32 -5.15 5.97
N ASN A 184 -7.87 -5.43 4.52
N ASN A 184 -8.17 -4.49 5.17
CA ASN A 184 -8.23 -4.07 4.15
CA ASN A 184 -8.54 -3.11 5.42
C ASN A 184 -9.62 -3.80 4.70
C ASN A 184 -9.67 -3.07 6.46
N VAL A 185 -9.70 -3.03 5.79
N VAL A 185 -9.52 -2.19 7.44
CA VAL A 185 -10.97 -2.68 6.41
CA VAL A 185 -10.49 -2.05 8.52
C VAL A 185 -11.18 -1.17 6.35
C VAL A 185 -11.03 -0.64 8.49
N SER A 186 -10.61 -0.53 5.33
CA SER A 186 -10.55 0.92 5.27
C SER A 186 -10.83 1.47 3.89
N SER A 187 -11.28 0.67 2.92
CA SER A 187 -11.71 1.38 1.72
C SER A 187 -12.91 2.28 2.04
N PRO A 188 -12.97 3.46 1.44
CA PRO A 188 -14.15 4.31 1.55
C PRO A 188 -15.31 3.89 0.66
N ASN A 189 -15.16 2.86 -0.16
CA ASN A 189 -16.07 2.61 -1.28
C ASN A 189 -16.77 1.27 -1.22
N THR A 190 -16.88 0.65 -0.05
CA THR A 190 -17.77 -0.50 0.11
C THR A 190 -18.57 -0.31 1.39
N GLY A 198 -18.02 -2.57 16.12
CA GLY A 198 -17.51 -2.55 17.49
C GLY A 198 -16.14 -3.16 17.61
N LYS A 199 -15.44 -2.84 18.71
CA LYS A 199 -14.11 -3.37 18.93
C LYS A 199 -14.12 -4.89 19.04
N ALA A 200 -15.14 -5.43 19.72
CA ALA A 200 -15.24 -6.89 19.84
C ALA A 200 -15.47 -7.52 18.48
N GLU A 201 -16.12 -6.80 17.56
CA GLU A 201 -16.32 -7.32 16.22
C GLU A 201 -15.01 -7.30 15.44
N LEU A 202 -14.23 -6.23 15.56
CA LEU A 202 -12.90 -6.21 14.96
C LEU A 202 -12.05 -7.35 15.51
N ARG A 203 -12.10 -7.55 16.83
CA ARG A 203 -11.38 -8.66 17.44
C ARG A 203 -11.85 -9.98 16.86
N ARG A 204 -13.17 -10.14 16.68
CA ARG A 204 -13.69 -11.39 16.14
C ARG A 204 -13.18 -11.62 14.73
N LEU A 205 -13.22 -10.58 13.90
CA LEU A 205 -12.79 -10.70 12.52
CA LEU A 205 -12.80 -10.71 12.52
C LEU A 205 -11.32 -11.06 12.44
N LEU A 206 -10.47 -10.33 13.18
CA LEU A 206 -9.04 -10.58 13.10
C LEU A 206 -8.67 -11.90 13.75
N THR A 207 -9.43 -12.33 14.77
CA THR A 207 -9.15 -13.65 15.34
C THR A 207 -9.35 -14.72 14.28
N LYS A 208 -10.43 -14.61 13.52
CA LYS A 208 -10.71 -15.59 12.48
C LYS A 208 -9.65 -15.55 11.40
N VAL A 209 -9.24 -14.35 10.99
CA VAL A 209 -8.18 -14.21 9.99
C VAL A 209 -6.89 -14.86 10.46
N LEU A 210 -6.47 -14.55 11.70
CA LEU A 210 -5.21 -15.13 12.19
C LEU A 210 -5.31 -16.64 12.36
N GLN A 211 -6.46 -17.15 12.80
CA GLN A 211 -6.61 -18.60 12.91
CA GLN A 211 -6.62 -18.59 12.91
C GLN A 211 -6.44 -19.25 11.55
N GLU A 212 -7.03 -18.68 10.51
CA GLU A 212 -6.87 -19.25 9.18
CA GLU A 212 -6.87 -19.25 9.18
C GLU A 212 -5.43 -19.18 8.73
N ARG A 213 -4.76 -18.06 8.98
CA ARG A 213 -3.35 -17.93 8.61
C ARG A 213 -2.50 -18.95 9.34
N ASP A 214 -2.74 -19.11 10.64
CA ASP A 214 -1.97 -20.05 11.44
C ASP A 214 -2.17 -21.50 10.97
N GLY A 215 -3.27 -21.78 10.28
CA GLY A 215 -3.55 -23.08 9.76
C GLY A 215 -2.85 -23.41 8.46
N LEU A 216 -2.14 -22.47 7.88
CA LEU A 216 -1.37 -22.75 6.68
C LEU A 216 -0.02 -23.34 7.05
N ARG A 217 0.50 -24.18 6.16
CA ARG A 217 1.80 -24.79 6.36
C ARG A 217 2.86 -23.70 6.45
N ARG A 218 3.92 -24.01 7.22
CA ARG A 218 4.87 -22.97 7.66
C ARG A 218 5.46 -22.15 6.52
N VAL A 219 5.91 -22.81 5.44
CA VAL A 219 6.52 -22.04 4.35
C VAL A 219 5.48 -21.24 3.57
N HIS A 220 4.21 -21.45 3.86
CA HIS A 220 3.11 -20.77 3.19
C HIS A 220 2.34 -19.87 4.14
N ARG A 221 2.95 -19.51 5.27
CA ARG A 221 2.26 -18.77 6.30
C ARG A 221 2.68 -17.30 6.24
N PRO A 222 1.83 -16.41 5.75
CA PRO A 222 2.21 -15.01 5.61
C PRO A 222 2.01 -14.21 6.90
N ALA A 223 2.70 -13.08 6.95
CA ALA A 223 2.37 -12.09 7.95
C ALA A 223 1.00 -11.52 7.63
N VAL A 224 0.31 -11.03 8.66
CA VAL A 224 -1.00 -10.39 8.50
C VAL A 224 -0.93 -8.97 9.01
N LEU A 225 -1.30 -8.03 8.16
CA LEU A 225 -1.37 -6.63 8.51
C LEU A 225 -2.79 -6.11 8.36
N VAL A 226 -3.10 -5.07 9.12
CA VAL A 226 -4.37 -4.38 9.06
C VAL A 226 -4.12 -3.01 8.45
N LYS A 227 -4.89 -2.66 7.43
CA LYS A 227 -4.75 -1.37 6.77
C LYS A 227 -5.89 -0.48 7.20
N ILE A 228 -5.56 0.72 7.66
CA ILE A 228 -6.55 1.61 8.21
C ILE A 228 -6.63 2.89 7.42
N ALA A 229 -7.77 3.52 7.53
CA ALA A 229 -7.97 4.80 6.93
C ALA A 229 -7.42 5.88 7.84
N PRO A 230 -7.29 7.09 7.32
CA PRO A 230 -6.85 8.22 8.13
C PRO A 230 -8.00 8.91 8.83
N ASP A 231 -9.20 8.38 8.67
CA ASP A 231 -10.42 9.06 9.08
C ASP A 231 -10.96 8.51 10.37
N LEU A 232 -10.17 7.70 11.06
CA LEU A 232 -10.64 7.08 12.28
C LEU A 232 -10.70 8.08 13.42
N THR A 233 -11.64 7.84 14.33
CA THR A 233 -11.63 8.63 15.54
C THR A 233 -10.48 8.18 16.44
N SER A 234 -10.18 9.02 17.44
CA SER A 234 -9.20 8.65 18.43
C SER A 234 -9.56 7.34 19.10
N GLN A 235 -10.86 7.16 19.39
CA GLN A 235 -11.34 5.90 19.98
C GLN A 235 -11.09 4.72 19.05
N ASP A 236 -11.38 4.87 17.76
CA ASP A 236 -11.11 3.80 16.81
C ASP A 236 -9.64 3.42 16.83
N LYS A 237 -8.76 4.42 16.83
CA LYS A 237 -7.33 4.15 16.76
C LYS A 237 -6.86 3.44 18.02
N GLU A 238 -7.32 3.90 19.19
CA GLU A 238 -7.02 3.24 20.45
C GLU A 238 -7.47 1.78 20.43
N ASP A 239 -8.69 1.55 19.94
CA ASP A 239 -9.24 0.21 19.89
C ASP A 239 -8.44 -0.69 18.95
N ILE A 240 -8.11 -0.17 17.76
CA ILE A 240 -7.32 -0.94 16.80
C ILE A 240 -5.97 -1.29 17.38
N ALA A 241 -5.31 -0.32 18.01
CA ALA A 241 -4.01 -0.61 18.60
C ALA A 241 -4.12 -1.70 19.65
N SER A 242 -5.16 -1.63 20.46
CA SER A 242 -5.35 -2.61 21.52
C SER A 242 -5.56 -4.01 20.95
N VAL A 243 -6.44 -4.11 19.94
CA VAL A 243 -6.74 -5.40 19.34
C VAL A 243 -5.51 -5.96 18.65
N VAL A 244 -4.77 -5.10 17.94
CA VAL A 244 -3.59 -5.56 17.23
C VAL A 244 -2.57 -6.14 18.19
N LYS A 245 -2.34 -5.45 19.31
CA LYS A 245 -1.42 -5.98 20.31
C LYS A 245 -1.95 -7.26 20.95
N GLU A 246 -3.24 -7.27 21.29
CA GLU A 246 -3.84 -8.44 21.95
C GLU A 246 -3.72 -9.69 21.10
N LEU A 247 -3.95 -9.56 19.80
CA LEU A 247 -4.00 -10.71 18.93
C LEU A 247 -2.67 -11.05 18.28
N GLY A 248 -1.69 -10.17 18.36
CA GLY A 248 -0.43 -10.44 17.69
C GLY A 248 -0.47 -10.19 16.21
N ILE A 249 -1.28 -9.22 15.76
CA ILE A 249 -1.26 -8.84 14.36
C ILE A 249 0.15 -8.39 14.03
N ASP A 250 0.62 -8.72 12.82
CA ASP A 250 2.02 -8.55 12.49
C ASP A 250 2.38 -7.12 12.13
N GLY A 251 1.43 -6.33 11.65
CA GLY A 251 1.77 -4.97 11.31
C GLY A 251 0.53 -4.20 10.91
N LEU A 252 0.75 -2.92 10.63
CA LEU A 252 -0.31 -2.01 10.21
C LEU A 252 0.12 -1.33 8.92
N ILE A 253 -0.84 -1.06 8.05
CA ILE A 253 -0.62 -0.21 6.88
C ILE A 253 -1.40 1.06 7.12
N VAL A 254 -0.72 2.19 7.03
CA VAL A 254 -1.26 3.44 7.53
C VAL A 254 -0.83 4.48 6.51
N THR A 255 -1.68 4.95 5.59
CA THR A 255 -3.12 4.80 5.53
C THR A 255 -3.65 4.54 4.14
N ASN A 256 -4.92 4.14 4.12
CA ASN A 256 -5.74 4.18 2.92
C ASN A 256 -6.07 5.63 2.58
N THR A 257 -6.87 5.79 1.54
CA THR A 257 -7.32 7.11 1.14
C THR A 257 -8.27 7.69 2.17
N THR A 258 -8.49 9.00 2.05
CA THR A 258 -9.35 9.72 2.98
C THR A 258 -10.67 10.12 2.34
N VAL A 259 -11.75 9.95 3.10
CA VAL A 259 -13.06 10.48 2.71
C VAL A 259 -13.23 11.89 3.18
N SER A 260 -12.25 12.44 3.87
CA SER A 260 -12.27 13.86 4.17
C SER A 260 -11.84 14.63 2.94
N ARG A 261 -12.14 15.93 2.97
CA ARG A 261 -11.71 16.85 1.92
C ARG A 261 -11.01 18.00 2.62
N PRO A 262 -9.71 17.88 2.81
CA PRO A 262 -8.96 18.94 3.48
C PRO A 262 -9.27 20.29 2.86
N ALA A 263 -9.32 21.31 3.71
CA ALA A 263 -9.50 22.65 3.20
C ALA A 263 -8.38 22.94 2.21
N GLY A 264 -8.71 23.68 1.16
CA GLY A 264 -7.72 24.15 0.21
C GLY A 264 -7.62 23.37 -1.09
N LEU A 265 -8.32 22.26 -1.24
CA LEU A 265 -8.34 21.57 -2.52
C LEU A 265 -8.84 22.51 -3.60
N GLN A 266 -8.15 22.49 -4.72
CA GLN A 266 -8.47 23.33 -5.85
C GLN A 266 -9.10 22.61 -7.02
N GLY A 267 -8.83 21.32 -7.15
CA GLY A 267 -9.32 20.60 -8.32
C GLY A 267 -10.81 20.77 -8.47
N ALA A 268 -11.25 20.89 -9.71
CA ALA A 268 -12.66 21.03 -10.02
C ALA A 268 -13.45 19.85 -9.48
N LEU A 269 -12.81 18.67 -9.40
CA LEU A 269 -13.49 17.43 -9.06
C LEU A 269 -13.37 17.09 -7.57
N ARG A 270 -13.03 18.07 -6.75
CA ARG A 270 -12.80 17.83 -5.32
C ARG A 270 -14.01 17.26 -4.59
N SER A 271 -15.23 17.52 -5.07
CA SER A 271 -16.42 17.08 -4.38
C SER A 271 -16.99 15.79 -4.94
N GLU A 272 -16.25 15.09 -5.80
CA GLU A 272 -16.61 13.74 -6.18
C GLU A 272 -16.52 12.83 -4.97
N THR A 273 -17.46 11.90 -4.88
CA THR A 273 -17.39 10.87 -3.85
C THR A 273 -16.21 9.93 -4.08
N GLY A 274 -15.52 9.59 -3.01
CA GLY A 274 -14.51 8.56 -3.05
C GLY A 274 -13.37 8.89 -2.10
N GLY A 275 -12.32 8.08 -2.23
CA GLY A 275 -11.14 8.26 -1.43
C GLY A 275 -10.14 9.17 -2.11
N LEU A 276 -9.67 10.15 -1.37
CA LEU A 276 -8.67 11.08 -1.86
CA LEU A 276 -8.67 11.08 -1.86
C LEU A 276 -7.28 10.58 -1.51
N SER A 277 -6.38 10.65 -2.48
CA SER A 277 -5.00 10.23 -2.33
C SER A 277 -4.08 11.33 -2.81
N GLY A 278 -2.78 11.11 -2.63
CA GLY A 278 -1.81 12.08 -3.09
C GLY A 278 -1.49 13.11 -2.05
N LYS A 279 -1.00 14.25 -2.53
CA LYS A 279 -0.39 15.20 -1.62
CA LYS A 279 -0.39 15.20 -1.62
C LYS A 279 -1.30 15.68 -0.51
N PRO A 280 -2.59 15.92 -0.72
CA PRO A 280 -3.43 16.41 0.38
C PRO A 280 -3.63 15.39 1.49
N LEU A 281 -3.30 14.13 1.23
CA LEU A 281 -3.39 13.09 2.24
C LEU A 281 -2.10 12.95 3.04
N ARG A 282 -0.99 13.48 2.51
CA ARG A 282 0.33 13.15 3.03
C ARG A 282 0.42 13.27 4.53
N ASP A 283 0.15 14.48 5.05
CA ASP A 283 0.47 14.70 6.45
C ASP A 283 -0.57 14.10 7.37
N LEU A 284 -1.82 13.99 6.90
CA LEU A 284 -2.82 13.24 7.65
CA LEU A 284 -2.81 13.23 7.65
C LEU A 284 -2.34 11.81 7.86
N SER A 285 -1.77 11.20 6.82
CA SER A 285 -1.22 9.85 6.94
CA SER A 285 -1.24 9.85 6.94
CA SER A 285 -1.23 9.86 6.92
C SER A 285 -0.03 9.81 7.88
N THR A 286 0.91 10.73 7.72
CA THR A 286 2.06 10.76 8.61
C THR A 286 1.63 10.86 10.06
N GLN A 287 0.67 11.73 10.35
CA GLN A 287 0.21 11.88 11.73
CA GLN A 287 0.19 11.89 11.72
C GLN A 287 -0.48 10.61 12.22
N THR A 288 -1.16 9.88 11.34
CA THR A 288 -1.78 8.63 11.75
C THR A 288 -0.71 7.59 12.06
N ILE A 289 0.36 7.56 11.26
CA ILE A 289 1.50 6.68 11.56
C ILE A 289 2.04 7.01 12.94
N ARG A 290 2.24 8.30 13.19
CA ARG A 290 2.81 8.72 14.45
C ARG A 290 1.97 8.26 15.62
N GLU A 291 0.64 8.41 15.51
CA GLU A 291 -0.24 7.98 16.58
CA GLU A 291 -0.23 7.98 16.59
C GLU A 291 -0.25 6.47 16.74
N MET A 292 -0.29 5.73 15.63
CA MET A 292 -0.36 4.28 15.76
C MET A 292 0.95 3.71 16.28
N TYR A 293 2.07 4.31 15.90
CA TYR A 293 3.36 3.87 16.45
C TYR A 293 3.37 4.06 17.95
N ALA A 294 2.91 5.22 18.41
CA ALA A 294 2.92 5.45 19.85
C ALA A 294 1.96 4.51 20.57
N LEU A 295 0.76 4.32 20.02
CA LEU A 295 -0.22 3.48 20.68
C LEU A 295 0.20 2.01 20.71
N THR A 296 1.11 1.61 19.84
CA THR A 296 1.63 0.24 19.84
C THR A 296 3.04 0.16 20.39
N GLN A 297 3.51 1.23 21.03
CA GLN A 297 4.80 1.27 21.70
C GLN A 297 5.95 0.94 20.76
N GLY A 298 5.78 1.25 19.48
CA GLY A 298 6.80 0.98 18.48
C GLY A 298 7.09 -0.49 18.23
N ARG A 299 6.24 -1.38 18.72
CA ARG A 299 6.47 -2.82 18.64
C ARG A 299 5.78 -3.47 17.47
N VAL A 300 5.00 -2.71 16.69
CA VAL A 300 4.18 -3.23 15.62
C VAL A 300 4.66 -2.55 14.34
N PRO A 301 5.24 -3.28 13.40
CA PRO A 301 5.71 -2.65 12.17
C PRO A 301 4.59 -1.94 11.44
N ILE A 302 4.93 -0.76 10.91
CA ILE A 302 3.99 0.04 10.15
C ILE A 302 4.55 0.25 8.74
N ILE A 303 3.70 0.04 7.75
CA ILE A 303 3.98 0.45 6.39
C ILE A 303 3.25 1.76 6.20
N GLY A 304 4.01 2.82 5.93
CA GLY A 304 3.45 4.17 5.87
C GLY A 304 3.14 4.53 4.43
N VAL A 305 1.94 5.06 4.21
CA VAL A 305 1.40 5.25 2.86
CA VAL A 305 1.50 5.32 2.86
C VAL A 305 0.52 6.48 2.88
N GLY A 306 0.63 7.32 1.84
CA GLY A 306 -0.21 8.47 1.66
C GLY A 306 0.63 9.67 1.30
N GLY A 307 0.52 10.08 0.04
CA GLY A 307 1.15 11.30 -0.41
C GLY A 307 2.65 11.30 -0.47
N VAL A 308 3.29 10.14 -0.60
CA VAL A 308 4.74 10.11 -0.72
C VAL A 308 5.15 10.36 -2.16
N SER A 309 5.92 11.42 -2.38
CA SER A 309 6.45 11.70 -3.71
CA SER A 309 6.45 11.72 -3.70
C SER A 309 7.91 12.12 -3.69
N SER A 310 8.58 12.10 -2.53
CA SER A 310 9.97 12.50 -2.43
C SER A 310 10.62 11.75 -1.28
N GLY A 311 11.95 11.83 -1.25
CA GLY A 311 12.70 11.28 -0.13
C GLY A 311 12.29 11.90 1.18
N GLN A 312 12.06 13.21 1.20
CA GLN A 312 11.61 13.83 2.43
C GLN A 312 10.28 13.25 2.89
N ASP A 313 9.35 13.07 1.97
CA ASP A 313 8.06 12.49 2.37
C ASP A 313 8.27 11.11 2.97
N ALA A 314 9.13 10.31 2.35
CA ALA A 314 9.39 8.97 2.85
C ALA A 314 10.05 9.02 4.23
N LEU A 315 11.05 9.87 4.38
CA LEU A 315 11.74 9.91 5.65
C LEU A 315 10.84 10.46 6.75
N GLU A 316 9.93 11.38 6.43
CA GLU A 316 9.02 11.85 7.46
C GLU A 316 8.17 10.70 8.00
N LYS A 317 7.72 9.82 7.11
CA LYS A 317 6.92 8.69 7.59
C LYS A 317 7.77 7.71 8.37
N ILE A 318 8.99 7.43 7.91
CA ILE A 318 9.89 6.54 8.62
C ILE A 318 10.19 7.08 10.01
N ARG A 319 10.55 8.37 10.11
CA ARG A 319 10.82 8.95 11.42
CA ARG A 319 10.82 8.94 11.43
C ARG A 319 9.58 8.96 12.31
N ALA A 320 8.40 9.02 11.71
CA ALA A 320 7.16 8.97 12.48
C ALA A 320 6.85 7.57 12.96
N GLY A 321 7.50 6.56 12.42
CA GLY A 321 7.25 5.20 12.87
C GLY A 321 7.15 4.15 11.80
N ALA A 322 7.20 4.52 10.53
CA ALA A 322 7.07 3.51 9.48
C ALA A 322 8.38 2.77 9.26
N SER A 323 8.31 1.44 9.16
CA SER A 323 9.46 0.65 8.76
C SER A 323 9.63 0.57 7.25
N LEU A 324 8.55 0.74 6.51
CA LEU A 324 8.51 0.70 5.07
C LEU A 324 7.50 1.76 4.65
N VAL A 325 7.59 2.22 3.42
CA VAL A 325 6.60 3.14 2.86
C VAL A 325 6.06 2.56 1.55
N GLN A 326 4.90 3.05 1.16
CA GLN A 326 4.40 2.78 -0.18
C GLN A 326 4.01 4.10 -0.83
N LEU A 327 3.96 4.06 -2.14
CA LEU A 327 3.38 5.17 -2.89
C LEU A 327 2.55 4.61 -4.03
N TYR A 328 1.62 5.43 -4.50
CA TYR A 328 0.85 5.10 -5.67
C TYR A 328 0.59 6.36 -6.47
N THR A 329 -0.15 7.30 -5.90
CA THR A 329 -0.59 8.45 -6.68
C THR A 329 0.56 9.17 -7.34
N ALA A 330 1.68 9.34 -6.63
CA ALA A 330 2.82 10.06 -7.22
C ALA A 330 3.35 9.35 -8.46
N LEU A 331 3.34 8.01 -8.47
CA LEU A 331 3.76 7.28 -9.64
C LEU A 331 2.89 7.64 -10.83
N THR A 332 1.61 7.88 -10.59
CA THR A 332 0.70 8.16 -11.67
C THR A 332 0.87 9.56 -12.22
N PHE A 333 1.38 10.50 -11.43
CA PHE A 333 1.66 11.84 -11.94
C PHE A 333 3.07 11.96 -12.53
N TRP A 334 4.06 11.34 -11.91
CA TRP A 334 5.45 11.56 -12.29
C TRP A 334 6.03 10.39 -13.07
N GLY A 335 5.36 9.24 -13.10
CA GLY A 335 5.84 8.08 -13.78
C GLY A 335 6.94 7.36 -13.04
N PRO A 336 7.45 6.31 -13.66
CA PRO A 336 8.39 5.42 -13.01
C PRO A 336 9.60 6.12 -12.41
N PRO A 337 10.11 7.20 -13.01
CA PRO A 337 11.30 7.82 -12.42
C PRO A 337 11.11 8.25 -10.98
N VAL A 338 9.88 8.41 -10.50
CA VAL A 338 9.69 8.87 -9.13
C VAL A 338 10.22 7.84 -8.14
N VAL A 339 10.24 6.56 -8.51
CA VAL A 339 10.68 5.53 -7.57
C VAL A 339 12.15 5.71 -7.24
N GLY A 340 12.99 5.81 -8.27
CA GLY A 340 14.40 6.03 -8.03
C GLY A 340 14.67 7.37 -7.38
N LYS A 341 13.86 8.38 -7.70
CA LYS A 341 14.01 9.69 -7.08
C LYS A 341 13.79 9.60 -5.57
N VAL A 342 12.71 8.95 -5.16
CA VAL A 342 12.43 8.82 -3.73
C VAL A 342 13.57 8.09 -3.05
N LYS A 343 14.02 6.99 -3.64
CA LYS A 343 15.08 6.21 -3.04
C LYS A 343 16.38 7.00 -2.94
N ARG A 344 16.75 7.71 -4.02
CA ARG A 344 17.99 8.49 -3.99
CA ARG A 344 17.99 8.49 -3.99
C ARG A 344 17.90 9.62 -2.98
N GLU A 345 16.77 10.31 -2.94
CA GLU A 345 16.60 11.40 -1.99
C GLU A 345 16.61 10.87 -0.57
N LEU A 346 15.97 9.74 -0.33
CA LEU A 346 15.93 9.18 1.02
C LEU A 346 17.32 8.82 1.50
N GLU A 347 18.10 8.15 0.63
CA GLU A 347 19.47 7.83 0.99
C GLU A 347 20.23 9.09 1.37
N ALA A 348 20.09 10.15 0.56
CA ALA A 348 20.84 11.37 0.82
C ALA A 348 20.41 12.02 2.14
N LEU A 349 19.11 12.03 2.42
CA LEU A 349 18.63 12.62 3.66
C LEU A 349 19.07 11.81 4.87
N LEU A 350 19.05 10.47 4.77
CA LEU A 350 19.54 9.66 5.87
C LEU A 350 20.97 10.02 6.20
N LYS A 351 21.81 10.14 5.16
CA LYS A 351 23.20 10.53 5.39
C LYS A 351 23.28 11.91 6.02
N GLU A 352 22.53 12.87 5.48
CA GLU A 352 22.56 14.24 5.99
C GLU A 352 22.15 14.30 7.46
N GLN A 353 21.22 13.46 7.87
CA GLN A 353 20.67 13.54 9.21
C GLN A 353 21.37 12.63 10.20
N GLY A 354 22.43 11.94 9.77
CA GLY A 354 23.24 11.14 10.65
C GLY A 354 22.77 9.73 10.90
N PHE A 355 21.87 9.22 10.07
CA PHE A 355 21.42 7.85 10.22
C PHE A 355 22.30 6.91 9.44
N GLY A 356 22.58 5.75 10.04
CA GLY A 356 23.35 4.73 9.35
C GLY A 356 22.58 4.05 8.25
N GLY A 357 21.26 4.05 8.35
CA GLY A 357 20.41 3.41 7.36
C GLY A 357 18.98 3.67 7.75
N VAL A 358 18.07 3.16 6.92
CA VAL A 358 16.64 3.30 7.20
C VAL A 358 16.32 2.81 8.60
N THR A 359 16.89 1.66 8.99
CA THR A 359 16.51 1.03 10.24
C THR A 359 16.72 1.98 11.43
N ASP A 360 17.81 2.74 11.40
CA ASP A 360 18.12 3.65 12.50
C ASP A 360 17.13 4.79 12.60
N ALA A 361 16.48 5.13 11.50
CA ALA A 361 15.55 6.25 11.46
C ALA A 361 14.13 5.88 11.85
N ILE A 362 13.79 4.59 11.84
CA ILE A 362 12.41 4.19 12.14
C ILE A 362 12.04 4.69 13.52
N GLY A 363 10.99 5.50 13.57
CA GLY A 363 10.48 6.02 14.83
C GLY A 363 11.35 7.05 15.50
N ALA A 364 12.35 7.59 14.80
CA ALA A 364 13.32 8.45 15.46
C ALA A 364 12.68 9.70 16.05
N ASP A 365 11.55 10.15 15.51
CA ASP A 365 10.94 11.36 16.08
C ASP A 365 10.45 11.11 17.50
N HIS A 366 10.15 9.87 17.85
CA HIS A 366 9.59 9.57 19.17
C HIS A 366 10.64 9.53 20.24
N ARG A 367 11.91 9.49 19.84
CA ARG A 367 13.03 9.44 20.76
C ARG A 367 13.67 10.81 20.97
N ARG A 368 13.10 11.85 20.37
CA ARG A 368 13.59 13.23 20.50
C ARG A 368 13.13 13.85 21.82
C9A FNR B . -6.15 2.84 -3.97
N10 FNR B . -5.86 2.32 -2.71
CAA FNR B . -6.25 1.04 -2.44
N1 FNR B . -5.96 0.51 -1.24
C2 FNR B . -6.33 -0.75 -0.91
O2 FNR B . -6.02 -1.19 0.18
N3 FNR B . -6.96 -1.49 -1.87
C4 FNR B . -7.32 -1.04 -3.11
O4 FNR B . -7.88 -1.81 -3.92
C4A FNR B . -6.94 0.32 -3.38
N5 FNR B . -7.28 0.85 -4.59
C5A FNR B . -6.85 2.10 -4.91
C6 FNR B . -7.14 2.67 -6.16
C7 FNR B . -6.71 3.94 -6.47
C7M FNR B . -7.02 4.47 -7.84
C8 FNR B . -6.01 4.65 -5.55
C8M FNR B . -5.52 6.02 -5.82
C9 FNR B . -5.71 4.10 -4.30
C1' FNR B . -5.14 3.12 -1.68
C2' FNR B . -3.64 3.13 -1.82
O2' FNR B . -3.20 1.82 -1.56
C3' FNR B . -3.03 4.07 -0.78
O3' FNR B . -3.39 3.57 0.46
C4' FNR B . -3.49 5.55 -0.97
O4' FNR B . -3.81 5.83 -2.33
C5' FNR B . -2.45 6.53 -0.44
O5' FNR B . -1.23 6.41 -1.10
P FNR B . -0.85 7.51 -2.28
O1P FNR B . -1.23 8.88 -1.75
O2P FNR B . -1.68 7.09 -3.50
O3P FNR B . 0.62 7.28 -2.45
HN1 FNR B . -5.53 0.97 -0.65
H3 FNR B . -7.23 -2.27 -1.63
H5 FNR B . -7.62 0.33 -5.19
H7 FNR B . -7.55 2.15 -6.81
H7M1 FNR B . -7.87 4.92 -7.84
H7M2 FNR B . -6.35 5.11 -8.14
H7M3 FNR B . -7.04 3.77 -8.51
H8M1 FNR B . -4.63 6.00 -6.19
H8M2 FNR B . -6.09 6.50 -6.46
H8M3 FNR B . -5.49 6.58 -5.03
H9 FNR B . -5.28 4.63 -3.67
H1'1 FNR B . -5.51 4.02 -1.68
H1'2 FNR B . -5.39 2.78 -0.80
H6 FNR B . -3.33 3.35 -2.71
H2' FNR B . -2.69 1.59 -2.20
H4 FNR B . -2.06 4.03 -0.80
H3' FNR B . -3.06 4.08 1.06
H2 FNR B . -4.33 5.70 -0.50
H4' FNR B . -3.08 6.02 -2.72
H5'1 FNR B . -2.80 7.44 -0.49
H5'2 FNR B . -2.35 6.36 0.52
N1 ORO C . -10.20 2.59 -3.23
C2 ORO C . -9.39 3.06 -2.22
O2 ORO C . -9.01 4.24 -2.24
N3 ORO C . -9.04 2.18 -1.25
C4 ORO C . -9.42 0.87 -1.20
O4 ORO C . -9.05 0.21 -0.23
C5 ORO C . -10.25 0.43 -2.27
C6 ORO C . -10.58 1.28 -3.25
C7 ORO C . -11.55 0.90 -4.32
O71 ORO C . -12.43 1.76 -4.49
O72 ORO C . -11.44 -0.21 -4.85
HN1 ORO C . -10.45 3.12 -3.86
HN3 ORO C . -8.52 2.49 -0.63
H5 ORO C . -10.57 -0.44 -2.27
C02 MLJ D . 0.10 5.11 -19.68
C02 MLJ D . 0.12 5.58 -19.42
C06 MLJ D . 0.01 6.74 -17.95
C06 MLJ D . -0.02 7.67 -18.45
C07 MLJ D . -0.70 7.65 -18.75
C07 MLJ D . -0.97 8.50 -19.04
C08 MLJ D . -1.30 8.78 -18.17
C08 MLJ D . -1.68 9.42 -18.26
C09 MLJ D . -1.22 9.06 -16.78
C09 MLJ D . -1.47 9.55 -16.89
C10 MLJ D . -0.50 8.12 -16.04
C10 MLJ D . -0.51 8.69 -16.33
C11 MLJ D . 0.10 7.00 -16.59
C11 MLJ D . 0.21 7.77 -17.09
C12 MLJ D . -1.85 10.27 -16.14
C12 MLJ D . -2.21 10.54 -16.04
C15 MLJ D . -2.04 11.88 -14.07
C15 MLJ D . -2.20 11.92 -13.85
C16 MLJ D . -3.14 11.66 -12.98
C16 MLJ D . -2.93 11.28 -12.65
C17 MLJ D . -4.06 10.43 -13.09
C17 MLJ D . -3.86 10.13 -13.02
C20 MLJ D . -4.46 7.91 -12.88
C20 MLJ D . -4.72 7.80 -12.70
C21 MLJ D . -5.56 7.87 -11.78
C21 MLJ D . -5.83 7.49 -11.69
C22 MLJ D . -5.13 7.12 -10.55
C22 MLJ D . -5.50 6.48 -10.61
C23 MLJ D . -4.72 5.70 -10.87
C23 MLJ D . -4.78 5.23 -11.12
C24 MLJ D . -3.75 5.61 -11.99
C24 MLJ D . -3.78 5.49 -12.22
C25 MLJ D . -2.92 4.47 -12.12
C25 MLJ D . -2.82 4.50 -12.53
C26 MLJ D . -2.00 4.36 -13.15
C26 MLJ D . -1.87 4.69 -13.54
C27 MLJ D . -1.89 5.38 -14.07
C27 MLJ D . -1.88 5.87 -14.27
C28 MLJ D . -2.69 6.49 -13.95
C28 MLJ D . -2.82 6.84 -13.96
C29 MLJ D . -3.63 6.65 -12.92
C29 MLJ D . -3.78 6.66 -12.95
F01 MLJ D . 0.56 5.85 -20.71
F01 MLJ D . -0.98 5.73 -20.16
F03 MLJ D . 0.58 3.86 -19.87
F03 MLJ D . 0.98 4.79 -20.12
F04 MLJ D . -1.25 5.06 -19.76
F04 MLJ D . -0.26 4.91 -18.29
N14 MLJ D . -1.51 10.70 -14.82
N14 MLJ D . -1.65 10.98 -14.82
N19 MLJ D . -3.66 9.14 -12.76
N19 MLJ D . -3.90 8.95 -12.35
O05 MLJ D . 0.61 5.62 -18.50
O05 MLJ D . 0.68 6.78 -19.23
O13 MLJ D . -2.68 10.91 -16.75
O13 MLJ D . -3.29 10.96 -16.43
O18 MLJ D . -5.19 10.59 -13.55
O18 MLJ D . -4.58 10.26 -14.01
H071 MLJ D . -0.77 7.48 -19.66
H071 MLJ D . -1.11 8.44 -19.96
H081 MLJ D . -1.75 9.35 -18.75
H081 MLJ D . -2.29 9.95 -18.72
H101 MLJ D . -0.42 8.27 -15.13
H101 MLJ D . -0.34 8.75 -15.42
H111 MLJ D . 0.57 6.41 -16.04
H111 MLJ D . 0.84 7.22 -16.68
H152 MLJ D . -2.39 12.47 -14.71
H152 MLJ D . -2.78 12.48 -14.30
H151 MLJ D . -1.32 12.31 -13.67
H151 MLJ D . -1.49 12.45 -13.53
H161 MLJ D . -3.66 12.44 -12.92
H161 MLJ D . -3.40 11.95 -12.19
H162 MLJ D . -2.71 11.57 -12.15
H162 MLJ D . -2.29 10.93 -12.06
H201 MLJ D . -4.93 7.95 -13.69
H201 MLJ D . -5.14 7.98 -13.52
H211 MLJ D . -5.85 8.73 -11.55
H211 MLJ D . -6.15 8.28 -11.28
H212 MLJ D . -6.36 7.49 -12.10
H212 MLJ D . -6.63 7.20 -12.11
H222 MLJ D . -4.45 7.60 -10.10
H222 MLJ D . -5.01 6.90 -9.93
H221 MLJ D . -5.80 7.13 -9.90
H221 MLJ D . -6.27 6.23 -10.14
H231 MLJ D . -5.48 5.15 -10.98
H231 MLJ D . -5.40 4.57 -11.33
H232 MLJ D . -4.32 5.32 -10.11
H232 MLJ D . -4.32 4.84 -10.41
H251 MLJ D . -2.97 3.76 -11.53
H251 MLJ D . -2.77 3.69 -12.09
H261 MLJ D . -1.46 3.61 -13.24
H261 MLJ D . -1.25 4.04 -13.75
H271 MLJ D . -1.27 5.30 -14.77
H271 MLJ D . -1.25 6.00 -14.94
H281 MLJ D . -2.59 7.16 -14.59
H281 MLJ D . -2.79 7.62 -14.46
H141 MLJ D . -0.92 10.23 -14.41
H141 MLJ D . -0.88 10.63 -14.61
H191 MLJ D . -2.85 9.01 -12.46
H191 MLJ D . -3.38 8.83 -11.66
S SO4 E . 5.19 -27.09 1.34
O1 SO4 E . 4.22 -26.57 2.30
O2 SO4 E . 5.12 -26.34 0.09
O3 SO4 E . 6.50 -26.90 1.92
O4 SO4 E . 5.02 -28.52 1.09
S SO4 F . 4.84 -25.31 12.37
O1 SO4 F . 5.47 -23.99 12.30
O2 SO4 F . 3.45 -25.24 11.91
O3 SO4 F . 4.85 -25.78 13.76
O4 SO4 F . 5.57 -26.26 11.52
C ACT G . 6.94 -15.90 -1.13
O ACT G . 7.50 -16.11 -2.20
OXT ACT G . 7.66 -16.01 -0.10
CH3 ACT G . 5.50 -15.50 -1.12
H1 ACT G . 5.17 -15.35 -0.09
H2 ACT G . 4.90 -16.31 -1.57
H3 ACT G . 5.36 -14.58 -1.69
C ACT H . 3.17 16.47 10.45
C ACT H . 3.90 15.57 10.25
O ACT H . 1.95 16.72 10.34
O ACT H . 5.11 15.64 9.91
OXT ACT H . 3.72 16.94 11.47
OXT ACT H . 3.62 14.72 11.12
CH3 ACT H . 3.94 15.69 9.43
CH3 ACT H . 2.84 16.42 9.64
H1 ACT H . 4.97 15.60 9.75
H1 ACT H . 1.87 16.17 10.08
H2 ACT H . 3.88 16.18 8.47
H2 ACT H . 2.80 16.24 8.56
H3 ACT H . 3.50 14.68 9.35
H3 ACT H . 3.05 17.47 9.83
C ACT I . -4.73 -14.28 -16.95
C ACT I . -3.56 -13.62 -17.72
O ACT I . -5.45 -13.52 -17.64
O ACT I . -3.03 -13.74 -16.60
OXT ACT I . -5.32 -15.12 -16.24
OXT ACT I . -2.95 -12.92 -18.56
CH3 ACT I . -3.24 -14.19 -17.00
CH3 ACT I . -4.87 -14.28 -18.06
H1 ACT I . -2.80 -14.93 -16.34
H1 ACT I . -5.14 -14.04 -19.08
H2 ACT I . -2.93 -13.19 -16.68
H2 ACT I . -5.64 -13.92 -17.38
H3 ACT I . -2.90 -14.37 -18.03
H3 ACT I . -4.76 -15.36 -17.95
CL CL J . 0.57 -23.14 -2.47
CL CL K . 13.45 15.17 6.09
C1 GOL L . -13.98 -4.93 25.07
O1 GOL L . -14.12 -5.37 23.73
C2 GOL L . -12.61 -4.26 25.23
O2 GOL L . -12.76 -2.89 25.51
C3 GOL L . -11.79 -4.92 26.32
O3 GOL L . -10.43 -4.86 25.95
H11 GOL L . -14.76 -4.21 25.30
H12 GOL L . -14.06 -5.77 25.75
HO1 GOL L . -14.97 -5.85 23.64
H2 GOL L . -12.07 -4.37 24.29
HO2 GOL L . -13.21 -2.79 26.38
H31 GOL L . -11.94 -4.39 27.26
H32 GOL L . -12.10 -5.96 26.45
HO3 GOL L . -9.87 -5.15 26.72
#